data_4GK4
#
_entry.id   4GK4
#
_cell.length_a   53.067
_cell.length_b   38.182
_cell.length_c   75.841
_cell.angle_alpha   90.00
_cell.angle_beta   101.49
_cell.angle_gamma   90.00
#
_symmetry.space_group_name_H-M   'P 1 21 1'
#
loop_
_entity.id
_entity.type
_entity.pdbx_description
1 polymer 'EPH receptor A3'
2 non-polymer 8-butyl-1-methyl-7-(5-methyl-1H-indazol-4-yl)-1H-imidazo[2,1-f]purine-2,4(3H,8H)-dione
3 water water
#
_entity_poly.entity_id   1
_entity_poly.type   'polypeptide(L)'
_entity_poly.pdbx_seq_one_letter_code
;MGSSHHHHHHSSGLVPRGSTQTVHEFAKELDATNISIDKVVGAGEFGEVCSGRLKLPSKKEISVAIKTLKVGYTEKQRRD
FLGEASIMGQFDHPNIIRLEGVVTKSKPVMIVTEYMENGSLDSFLRKHDAQFTVIQLVGMLRGIASGMKYLSDMGYVHRD
LAARNILINSNLVCKVSDFGLSRVLEDDPEAAYTTRGGKIPIRWTSPEAIAYRKFTSASDVWSYGIVLWEVMSYGERPYW
EMSNQDVIKAVDEGYRLPPPMDCPAALYQLMLDCWQKDRNNRPKFEQIVSILDKLIRNPGSLKIITSAAARPSNLLLDQS
NVDITTFRTTGDWLNGVWTAHCKEIFTGVEYSSCDTIAKIS
;
_entity_poly.pdbx_strand_id   A
#
loop_
_chem_comp.id
_chem_comp.type
_chem_comp.name
_chem_comp.formula
L90 non-polymer 8-butyl-1-methyl-7-(5-methyl-1H-indazol-4-yl)-1H-imidazo[2,1-f]purine-2,4(3H,8H)-dione 'C20 H21 N7 O2'
#
# COMPACT_ATOMS: atom_id res chain seq x y z
N VAL A 23 6.13 22.05 4.54
CA VAL A 23 5.11 21.27 3.86
C VAL A 23 4.91 21.72 2.41
N HIS A 24 5.00 23.02 2.18
CA HIS A 24 4.84 23.54 0.83
C HIS A 24 6.11 23.35 0.01
N GLU A 25 7.10 22.70 0.62
CA GLU A 25 8.30 22.29 -0.10
C GLU A 25 7.98 21.21 -1.13
N PHE A 26 7.12 20.27 -0.78
CA PHE A 26 6.77 19.17 -1.67
C PHE A 26 5.28 19.12 -2.01
N ALA A 27 4.52 20.09 -1.52
CA ALA A 27 3.07 20.12 -1.77
C ALA A 27 2.64 21.50 -2.26
N LYS A 28 2.16 21.58 -3.50
CA LYS A 28 1.71 22.86 -4.01
C LYS A 28 0.37 23.22 -3.37
N GLU A 29 0.22 24.49 -3.03
CA GLU A 29 -1.03 25.01 -2.50
C GLU A 29 -2.02 25.10 -3.66
N LEU A 30 -3.19 24.49 -3.50
CA LEU A 30 -4.22 24.59 -4.53
C LEU A 30 -5.22 25.67 -4.15
N ASP A 31 -5.81 26.30 -5.17
CA ASP A 31 -6.87 27.25 -4.94
C ASP A 31 -8.20 26.50 -4.83
N ALA A 32 -8.96 26.75 -3.77
CA ALA A 32 -10.20 26.00 -3.50
C ALA A 32 -11.28 26.18 -4.59
N THR A 33 -11.22 27.29 -5.29
CA THR A 33 -12.15 27.56 -6.38
C THR A 33 -11.97 26.58 -7.53
N ASN A 34 -10.81 25.92 -7.59
CA ASN A 34 -10.55 24.92 -8.62
C ASN A 34 -11.00 23.51 -8.23
N ILE A 35 -11.50 23.40 -7.01
CA ILE A 35 -11.94 22.11 -6.48
C ILE A 35 -13.45 22.01 -6.35
N SER A 36 -14.05 21.00 -6.96
CA SER A 36 -15.45 20.71 -6.74
C SER A 36 -15.56 19.41 -5.95
N ILE A 37 -16.41 19.42 -4.94
CA ILE A 37 -16.65 18.21 -4.16
C ILE A 37 -17.97 17.61 -4.59
N ASP A 38 -17.94 16.33 -4.95
CA ASP A 38 -19.09 15.71 -5.59
C ASP A 38 -19.61 14.50 -4.82
N LYS A 39 -18.97 14.16 -3.70
CA LYS A 39 -19.38 13.02 -2.89
C LYS A 39 -18.51 12.74 -1.66
N VAL A 40 -19.15 12.42 -0.54
CA VAL A 40 -18.47 11.88 0.64
C VAL A 40 -18.32 10.38 0.50
N VAL A 41 -17.08 9.92 0.39
CA VAL A 41 -16.79 8.56 -0.01
C VAL A 41 -16.28 7.68 1.14
N GLY A 42 -15.94 8.33 2.26
CA GLY A 42 -15.40 7.61 3.41
C GLY A 42 -14.94 8.53 4.53
N ALA A 43 -14.48 7.92 5.62
CA ALA A 43 -14.03 8.68 6.78
C ALA A 43 -12.66 8.20 7.23
N GLY A 44 -11.68 9.10 7.15
CA GLY A 44 -10.32 8.76 7.50
C GLY A 44 -10.00 9.02 8.95
N GLU A 45 -8.73 8.82 9.31
CA GLU A 45 -8.26 9.02 10.67
C GLU A 45 -8.37 10.49 11.09
N PHE A 46 -8.47 11.38 10.11
CA PHE A 46 -8.36 12.81 10.36
C PHE A 46 -9.58 13.63 9.95
N GLY A 47 -10.54 13.00 9.29
CA GLY A 47 -11.68 13.70 8.74
C GLY A 47 -12.21 12.98 7.51
N GLU A 48 -13.28 13.49 6.92
CA GLU A 48 -13.94 12.80 5.81
C GLU A 48 -13.00 12.59 4.64
N VAL A 49 -13.36 11.61 3.80
CA VAL A 49 -12.71 11.46 2.52
C VAL A 49 -13.76 11.58 1.44
N CYS A 50 -13.51 12.43 0.45
CA CYS A 50 -14.50 12.71 -0.58
C CYS A 50 -13.94 12.45 -1.96
N SER A 51 -14.82 12.52 -2.96
CA SER A 51 -14.39 12.51 -4.33
C SER A 51 -14.86 13.80 -4.98
N GLY A 52 -14.21 14.17 -6.08
CA GLY A 52 -14.57 15.39 -6.77
C GLY A 52 -13.69 15.61 -7.97
N ARG A 53 -13.54 16.87 -8.35
CA ARG A 53 -12.78 17.22 -9.53
C ARG A 53 -11.84 18.38 -9.21
N LEU A 54 -10.70 18.40 -9.90
CA LEU A 54 -9.76 19.48 -9.75
C LEU A 54 -9.47 20.03 -11.14
N LYS A 55 -9.59 21.36 -11.27
CA LYS A 55 -9.22 22.03 -12.50
C LYS A 55 -7.76 22.46 -12.39
N LEU A 56 -6.95 21.97 -13.33
CA LEU A 56 -5.53 22.26 -13.35
C LEU A 56 -5.28 23.62 -14.04
N PRO A 57 -4.08 24.19 -13.87
CA PRO A 57 -3.77 25.48 -14.49
C PRO A 57 -3.96 25.46 -16.01
N SER A 58 -3.67 24.33 -16.64
CA SER A 58 -3.93 24.16 -18.08
C SER A 58 -5.43 24.07 -18.43
N LYS A 59 -6.30 24.20 -17.43
CA LYS A 59 -7.76 24.06 -17.60
C LYS A 59 -8.28 22.63 -17.72
N LYS A 60 -7.38 21.65 -17.83
CA LYS A 60 -7.80 20.26 -17.83
C LYS A 60 -8.44 19.91 -16.48
N GLU A 61 -9.48 19.09 -16.50
CA GLU A 61 -10.16 18.71 -15.28
C GLU A 61 -9.95 17.23 -15.01
N ILE A 62 -9.61 16.90 -13.77
CA ILE A 62 -9.34 15.52 -13.41
C ILE A 62 -10.15 15.12 -12.19
N SER A 63 -10.42 13.82 -12.06
CA SER A 63 -11.08 13.32 -10.89
C SER A 63 -10.06 13.24 -9.78
N VAL A 64 -10.48 13.57 -8.57
CA VAL A 64 -9.56 13.51 -7.45
C VAL A 64 -10.25 12.94 -6.22
N ALA A 65 -9.45 12.35 -5.34
CA ALA A 65 -9.83 12.04 -3.97
C ALA A 65 -9.42 13.21 -3.11
N ILE A 66 -10.27 13.55 -2.14
CA ILE A 66 -10.06 14.72 -1.31
C ILE A 66 -10.22 14.36 0.17
N LYS A 67 -9.11 14.43 0.90
CA LYS A 67 -9.15 14.17 2.33
C LYS A 67 -9.30 15.50 3.05
N THR A 68 -10.28 15.60 3.93
CA THR A 68 -10.47 16.81 4.69
C THR A 68 -10.01 16.64 6.14
N LEU A 69 -9.54 17.72 6.73
CA LEU A 69 -9.18 17.71 8.15
C LEU A 69 -10.39 18.15 8.96
N LYS A 70 -10.72 17.36 9.98
CA LYS A 70 -11.96 17.55 10.72
C LYS A 70 -12.05 18.94 11.36
N VAL A 71 -13.27 19.46 11.46
CA VAL A 71 -13.44 20.73 12.14
C VAL A 71 -13.05 20.54 13.61
N GLY A 72 -12.37 21.53 14.17
CA GLY A 72 -11.98 21.49 15.57
C GLY A 72 -10.63 20.84 15.77
N TYR A 73 -9.92 20.61 14.66
CA TYR A 73 -8.63 19.96 14.72
C TYR A 73 -7.73 20.72 15.68
N THR A 74 -6.90 19.98 16.40
CA THR A 74 -5.83 20.58 17.21
C THR A 74 -4.66 20.86 16.29
N GLU A 75 -3.75 21.73 16.73
CA GLU A 75 -2.55 22.02 15.95
C GLU A 75 -1.74 20.75 15.67
N LYS A 76 -1.74 19.81 16.61
CA LYS A 76 -0.99 18.57 16.41
C LYS A 76 -1.54 17.84 15.22
N GLN A 77 -2.82 17.46 15.29
CA GLN A 77 -3.53 16.80 14.19
C GLN A 77 -3.24 17.43 12.82
N ARG A 78 -3.15 18.75 12.78
CA ARG A 78 -2.92 19.46 11.54
C ARG A 78 -1.54 19.11 11.01
N ARG A 79 -0.58 19.01 11.92
CA ARG A 79 0.80 18.72 11.53
C ARG A 79 0.92 17.29 11.02
N ASP A 80 0.26 16.36 11.71
CA ASP A 80 0.29 14.97 11.31
C ASP A 80 -0.44 14.78 10.00
N PHE A 81 -1.56 15.48 9.87
CA PHE A 81 -2.38 15.36 8.67
C PHE A 81 -1.57 15.77 7.44
N LEU A 82 -0.99 16.97 7.48
CA LEU A 82 -0.19 17.50 6.37
C LEU A 82 1.16 16.82 6.27
N GLY A 83 1.59 16.18 7.35
CA GLY A 83 2.84 15.44 7.34
C GLY A 83 2.83 14.35 6.28
N GLU A 84 1.73 13.61 6.20
CA GLU A 84 1.54 12.63 5.14
C GLU A 84 1.71 13.24 3.74
N ALA A 85 1.22 14.47 3.54
CA ALA A 85 1.31 15.12 2.23
C ALA A 85 2.76 15.47 1.89
N SER A 86 3.53 15.90 2.88
CA SER A 86 4.93 16.22 2.66
CA SER A 86 4.93 16.23 2.65
C SER A 86 5.70 14.99 2.17
N ILE A 87 5.40 13.84 2.76
CA ILE A 87 6.02 12.59 2.32
C ILE A 87 5.54 12.20 0.93
N MET A 88 4.22 12.15 0.75
CA MET A 88 3.63 11.73 -0.52
C MET A 88 4.18 12.63 -1.63
N GLY A 89 4.35 13.90 -1.32
CA GLY A 89 4.75 14.87 -2.32
C GLY A 89 6.17 14.63 -2.82
N GLN A 90 6.90 13.75 -2.14
CA GLN A 90 8.27 13.48 -2.50
C GLN A 90 8.40 12.42 -3.58
N PHE A 91 7.32 11.68 -3.80
CA PHE A 91 7.33 10.61 -4.79
C PHE A 91 6.56 10.98 -6.05
N ASP A 92 7.17 10.72 -7.19
CA ASP A 92 6.51 10.86 -8.47
C ASP A 92 6.73 9.56 -9.25
N HIS A 93 5.73 8.69 -9.21
CA HIS A 93 5.86 7.35 -9.76
C HIS A 93 4.48 6.81 -10.07
N PRO A 94 4.36 6.06 -11.17
CA PRO A 94 3.06 5.52 -11.57
C PRO A 94 2.44 4.60 -10.53
N ASN A 95 3.23 4.03 -9.62
CA ASN A 95 2.66 3.08 -8.66
C ASN A 95 2.65 3.56 -7.21
N ILE A 96 2.73 4.87 -7.06
CA ILE A 96 2.56 5.54 -5.78
C ILE A 96 1.50 6.61 -5.97
N ILE A 97 0.56 6.69 -5.02
CA ILE A 97 -0.55 7.63 -5.12
C ILE A 97 0.00 9.03 -5.32
N ARG A 98 -0.49 9.70 -6.37
CA ARG A 98 -0.01 11.03 -6.73
C ARG A 98 -0.71 12.13 -5.93
N LEU A 99 0.08 12.97 -5.28
CA LEU A 99 -0.44 14.14 -4.60
C LEU A 99 -0.64 15.27 -5.61
N GLU A 100 -1.85 15.81 -5.69
CA GLU A 100 -2.12 16.97 -6.55
C GLU A 100 -1.79 18.27 -5.84
N GLY A 101 -1.97 18.28 -4.52
CA GLY A 101 -1.67 19.45 -3.74
C GLY A 101 -2.46 19.48 -2.45
N VAL A 102 -2.40 20.62 -1.75
CA VAL A 102 -3.06 20.81 -0.47
C VAL A 102 -3.78 22.16 -0.44
N VAL A 103 -4.82 22.25 0.38
CA VAL A 103 -5.43 23.54 0.70
C VAL A 103 -5.26 23.81 2.19
N THR A 104 -4.53 24.88 2.52
CA THR A 104 -4.27 25.25 3.91
C THR A 104 -4.61 26.69 4.20
N LYS A 105 -4.65 27.52 3.16
CA LYS A 105 -4.93 28.93 3.31
C LYS A 105 -6.42 29.22 3.41
N SER A 106 -7.23 28.18 3.31
CA SER A 106 -8.64 28.24 3.68
C SER A 106 -9.10 26.93 4.32
N LYS A 107 -10.31 26.90 4.86
CA LYS A 107 -10.82 25.72 5.56
C LYS A 107 -12.04 25.14 4.84
N PRO A 108 -12.27 23.83 4.99
CA PRO A 108 -11.40 22.90 5.71
C PRO A 108 -10.06 22.68 5.00
N VAL A 109 -9.04 22.34 5.78
CA VAL A 109 -7.74 22.00 5.21
C VAL A 109 -7.88 20.69 4.45
N MET A 110 -7.24 20.57 3.29
CA MET A 110 -7.46 19.42 2.42
C MET A 110 -6.19 18.87 1.82
N ILE A 111 -6.18 17.54 1.61
CA ILE A 111 -5.16 16.87 0.81
C ILE A 111 -5.84 16.27 -0.42
N VAL A 112 -5.32 16.61 -1.58
CA VAL A 112 -5.92 16.24 -2.86
C VAL A 112 -4.99 15.30 -3.63
N THR A 113 -5.52 14.14 -4.01
CA THR A 113 -4.72 13.12 -4.65
C THR A 113 -5.46 12.62 -5.88
N GLU A 114 -4.77 11.84 -6.72
CA GLU A 114 -5.45 11.21 -7.83
C GLU A 114 -6.57 10.32 -7.32
N TYR A 115 -7.58 10.13 -8.16
CA TYR A 115 -8.72 9.32 -7.82
C TYR A 115 -8.49 7.88 -8.27
N MET A 116 -8.80 6.94 -7.38
CA MET A 116 -8.65 5.52 -7.65
C MET A 116 -10.05 4.89 -7.60
N GLU A 117 -10.61 4.60 -8.77
CA GLU A 117 -12.04 4.25 -8.83
C GLU A 117 -12.42 2.96 -8.09
N ASN A 118 -11.49 2.01 -8.00
CA ASN A 118 -11.82 0.73 -7.36
C ASN A 118 -11.42 0.61 -5.90
N GLY A 119 -11.03 1.71 -5.28
CA GLY A 119 -10.79 1.76 -3.84
C GLY A 119 -9.65 0.90 -3.33
N SER A 120 -9.75 0.47 -2.07
CA SER A 120 -8.73 -0.35 -1.42
C SER A 120 -8.67 -1.72 -2.06
N LEU A 121 -7.45 -2.25 -2.18
CA LEU A 121 -7.24 -3.49 -2.90
C LEU A 121 -7.87 -4.67 -2.19
N ASP A 122 -7.78 -4.71 -0.87
CA ASP A 122 -8.33 -5.84 -0.12
C ASP A 122 -9.86 -5.89 -0.22
N SER A 123 -10.54 -4.76 -0.07
CA SER A 123 -11.98 -4.79 -0.19
C SER A 123 -12.41 -5.03 -1.65
N PHE A 124 -11.61 -4.53 -2.60
CA PHE A 124 -11.88 -4.79 -4.00
C PHE A 124 -11.82 -6.28 -4.29
N LEU A 125 -10.74 -6.92 -3.87
CA LEU A 125 -10.56 -8.34 -4.16
C LEU A 125 -11.62 -9.20 -3.48
N ARG A 126 -12.10 -8.78 -2.32
CA ARG A 126 -13.11 -9.56 -1.57
C ARG A 126 -14.44 -9.65 -2.33
N LYS A 127 -14.68 -8.65 -3.18
CA LYS A 127 -15.91 -8.60 -3.95
C LYS A 127 -15.79 -9.45 -5.20
N HIS A 128 -14.59 -9.94 -5.49
CA HIS A 128 -14.33 -10.63 -6.75
C HIS A 128 -13.57 -11.94 -6.55
N ASP A 129 -13.86 -12.61 -5.44
CA ASP A 129 -13.23 -13.89 -5.12
C ASP A 129 -13.15 -14.84 -6.32
N ALA A 130 -11.91 -15.14 -6.71
CA ALA A 130 -11.63 -16.09 -7.79
C ALA A 130 -12.09 -15.60 -9.16
N GLN A 131 -12.35 -14.31 -9.32
CA GLN A 131 -12.86 -13.81 -10.59
C GLN A 131 -11.81 -13.29 -11.55
N PHE A 132 -10.56 -13.17 -11.09
CA PHE A 132 -9.46 -12.70 -11.93
C PHE A 132 -8.54 -13.83 -12.38
N THR A 133 -7.76 -13.58 -13.42
CA THR A 133 -6.78 -14.57 -13.89
C THR A 133 -5.48 -14.42 -13.13
N VAL A 134 -4.67 -15.48 -13.11
CA VAL A 134 -3.37 -15.37 -12.45
C VAL A 134 -2.61 -14.17 -12.98
N ILE A 135 -2.57 -14.01 -14.30
CA ILE A 135 -1.83 -12.89 -14.91
C ILE A 135 -2.30 -11.51 -14.46
N GLN A 136 -3.62 -11.32 -14.38
CA GLN A 136 -4.18 -10.08 -13.82
C GLN A 136 -3.72 -9.84 -12.39
N LEU A 137 -3.74 -10.88 -11.55
CA LEU A 137 -3.30 -10.71 -10.17
C LEU A 137 -1.81 -10.36 -10.15
N VAL A 138 -1.03 -10.99 -11.02
CA VAL A 138 0.40 -10.73 -11.09
C VAL A 138 0.68 -9.30 -11.55
N GLY A 139 -0.13 -8.80 -12.47
CA GLY A 139 0.00 -7.41 -12.90
C GLY A 139 -0.15 -6.46 -11.72
N MET A 140 -1.19 -6.66 -10.92
CA MET A 140 -1.40 -5.90 -9.70
C MET A 140 -0.19 -5.94 -8.78
N LEU A 141 0.35 -7.14 -8.60
CA LEU A 141 1.47 -7.37 -7.69
C LEU A 141 2.77 -6.72 -8.17
N ARG A 142 2.97 -6.72 -9.49
CA ARG A 142 4.12 -6.08 -10.14
C ARG A 142 4.12 -4.56 -9.88
N GLY A 143 2.94 -3.96 -10.00
CA GLY A 143 2.79 -2.54 -9.77
C GLY A 143 3.15 -2.16 -8.35
N ILE A 144 2.65 -2.94 -7.40
CA ILE A 144 2.92 -2.68 -5.98
C ILE A 144 4.41 -2.75 -5.72
N ALA A 145 5.04 -3.81 -6.20
CA ALA A 145 6.49 -4.00 -6.06
C ALA A 145 7.30 -2.87 -6.71
N SER A 146 6.88 -2.43 -7.89
CA SER A 146 7.58 -1.34 -8.58
CA SER A 146 7.58 -1.34 -8.56
C SER A 146 7.51 -0.05 -7.75
N GLY A 147 6.35 0.21 -7.18
CA GLY A 147 6.16 1.38 -6.35
C GLY A 147 6.99 1.27 -5.09
N MET A 148 7.06 0.07 -4.53
CA MET A 148 7.87 -0.15 -3.33
C MET A 148 9.36 -0.05 -3.63
N LYS A 149 9.75 -0.50 -4.82
CA LYS A 149 11.12 -0.36 -5.30
C LYS A 149 11.55 1.11 -5.28
N TYR A 150 10.67 1.96 -5.79
CA TYR A 150 10.96 3.40 -5.84
C TYR A 150 10.98 3.98 -4.43
N LEU A 151 9.99 3.63 -3.62
CA LEU A 151 9.93 4.11 -2.24
C LEU A 151 11.20 3.79 -1.47
N SER A 152 11.66 2.55 -1.58
CA SER A 152 12.88 2.11 -0.91
C SER A 152 14.12 2.76 -1.53
N ASP A 153 14.09 2.99 -2.84
CA ASP A 153 15.15 3.74 -3.50
C ASP A 153 15.29 5.13 -2.90
N MET A 154 14.18 5.70 -2.43
CA MET A 154 14.20 7.08 -1.92
C MET A 154 14.60 7.18 -0.45
N GLY A 155 14.82 6.04 0.21
CA GLY A 155 15.24 6.04 1.60
C GLY A 155 14.12 5.99 2.64
N TYR A 156 12.92 5.61 2.23
CA TYR A 156 11.80 5.52 3.15
C TYR A 156 11.45 4.08 3.49
N VAL A 157 11.05 3.84 4.73
CA VAL A 157 10.40 2.59 5.09
CA VAL A 157 10.39 2.59 5.08
C VAL A 157 8.91 2.90 5.31
N HIS A 158 8.04 2.17 4.62
CA HIS A 158 6.61 2.39 4.72
C HIS A 158 6.06 2.03 6.08
N ARG A 159 6.37 0.80 6.51
CA ARG A 159 6.02 0.29 7.84
CA ARG A 159 6.01 0.30 7.84
C ARG A 159 4.54 -0.09 7.98
N ASP A 160 3.75 0.15 6.93
CA ASP A 160 2.33 -0.18 6.97
C ASP A 160 1.89 -0.73 5.64
N LEU A 161 2.78 -1.48 4.98
CA LEU A 161 2.45 -2.06 3.69
C LEU A 161 1.46 -3.20 3.86
N ALA A 162 0.24 -2.98 3.39
CA ALA A 162 -0.86 -3.91 3.53
C ALA A 162 -1.86 -3.67 2.41
N ALA A 163 -2.63 -4.69 2.08
CA ALA A 163 -3.59 -4.58 1.00
C ALA A 163 -4.57 -3.41 1.19
N ARG A 164 -4.92 -3.12 2.43
CA ARG A 164 -5.87 -2.05 2.70
C ARG A 164 -5.26 -0.69 2.40
N ASN A 165 -3.94 -0.63 2.27
CA ASN A 165 -3.25 0.61 1.98
C ASN A 165 -2.76 0.68 0.54
N ILE A 166 -3.20 -0.26 -0.27
CA ILE A 166 -2.96 -0.20 -1.71
C ILE A 166 -4.28 0.20 -2.35
N LEU A 167 -4.25 1.20 -3.22
CA LEU A 167 -5.46 1.61 -3.93
C LEU A 167 -5.39 1.13 -5.36
N ILE A 168 -6.55 0.85 -5.95
CA ILE A 168 -6.57 0.31 -7.29
C ILE A 168 -7.50 1.12 -8.22
N ASN A 169 -7.02 1.49 -9.40
CA ASN A 169 -7.85 2.32 -10.28
C ASN A 169 -8.74 1.55 -11.27
N SER A 170 -9.38 2.28 -12.18
CA SER A 170 -10.36 1.66 -13.06
C SER A 170 -9.73 0.71 -14.05
N ASN A 171 -8.42 0.83 -14.25
CA ASN A 171 -7.69 -0.09 -15.12
C ASN A 171 -6.89 -1.14 -14.35
N LEU A 172 -7.15 -1.23 -13.05
CA LEU A 172 -6.53 -2.25 -12.21
C LEU A 172 -5.10 -1.90 -11.84
N VAL A 173 -4.67 -0.67 -12.15
CA VAL A 173 -3.34 -0.23 -11.73
C VAL A 173 -3.37 -0.02 -10.22
N CYS A 174 -2.42 -0.68 -9.52
CA CYS A 174 -2.29 -0.56 -8.05
C CYS A 174 -1.23 0.43 -7.58
N LYS A 175 -1.55 1.17 -6.52
CA LYS A 175 -0.66 2.24 -6.07
C LYS A 175 -0.51 2.27 -4.55
N VAL A 176 0.73 2.36 -4.10
CA VAL A 176 1.02 2.45 -2.68
C VAL A 176 0.48 3.76 -2.10
N SER A 177 -0.18 3.68 -0.95
CA SER A 177 -0.68 4.90 -0.30
CA SER A 177 -0.69 4.90 -0.30
C SER A 177 -0.55 4.83 1.21
N ASP A 178 -1.17 5.78 1.90
CA ASP A 178 -1.15 5.87 3.36
C ASP A 178 0.25 5.90 3.94
N PHE A 179 0.84 7.08 3.98
CA PHE A 179 2.19 7.22 4.49
C PHE A 179 2.21 7.71 5.94
N GLY A 180 1.10 7.49 6.64
CA GLY A 180 1.00 7.89 8.04
C GLY A 180 2.07 7.36 8.98
N LEU A 181 2.50 6.11 8.77
CA LEU A 181 3.51 5.51 9.64
C LEU A 181 4.89 5.53 9.00
N SER A 182 4.99 6.12 7.81
CA SER A 182 6.22 6.04 7.04
C SER A 182 7.31 6.95 7.64
N ARG A 183 8.57 6.52 7.50
CA ARG A 183 9.70 7.23 8.10
C ARG A 183 10.92 7.18 7.19
N VAL A 184 11.76 8.20 7.25
CA VAL A 184 13.05 8.17 6.56
C VAL A 184 13.99 7.22 7.31
N LEU A 185 14.82 6.49 6.55
CA LEU A 185 15.75 5.54 7.15
C LEU A 185 16.94 6.23 7.81
N LYS A 199 -1.18 1.12 16.92
CA LYS A 199 0.26 1.33 16.78
C LYS A 199 0.76 0.75 15.45
N ILE A 200 1.53 -0.34 15.54
CA ILE A 200 2.03 -1.01 14.35
C ILE A 200 1.17 -2.24 14.02
N PRO A 201 0.93 -2.48 12.73
CA PRO A 201 0.06 -3.60 12.32
C PRO A 201 0.83 -4.92 12.43
N ILE A 202 0.60 -5.64 13.52
CA ILE A 202 1.33 -6.86 13.85
C ILE A 202 1.36 -7.90 12.72
N ARG A 203 0.20 -8.12 12.10
CA ARG A 203 0.07 -9.14 11.05
C ARG A 203 0.98 -8.90 9.82
N TRP A 204 1.31 -7.65 9.56
CA TRP A 204 2.09 -7.27 8.38
C TRP A 204 3.56 -6.97 8.66
N THR A 205 3.92 -6.99 9.95
CA THR A 205 5.25 -6.59 10.39
C THR A 205 6.24 -7.75 10.56
N SER A 206 7.48 -7.57 10.12
CA SER A 206 8.46 -8.65 10.20
C SER A 206 8.80 -8.98 11.65
N PRO A 207 9.28 -10.20 11.90
CA PRO A 207 9.65 -10.67 13.24
C PRO A 207 10.60 -9.70 13.94
N GLU A 208 11.67 -9.28 13.26
CA GLU A 208 12.67 -8.40 13.89
C GLU A 208 12.13 -6.98 14.18
N ALA A 209 11.21 -6.51 13.35
CA ALA A 209 10.58 -5.21 13.60
C ALA A 209 9.63 -5.33 14.78
N ILE A 210 8.93 -6.45 14.88
CA ILE A 210 8.11 -6.68 16.07
C ILE A 210 8.99 -6.81 17.33
N ALA A 211 10.13 -7.46 17.21
CA ALA A 211 10.94 -7.84 18.37
C ALA A 211 11.64 -6.65 19.00
N TYR A 212 12.28 -5.84 18.17
CA TYR A 212 12.98 -4.65 18.68
C TYR A 212 13.00 -3.49 17.69
N ARG A 213 11.88 -3.33 16.99
CA ARG A 213 11.70 -2.19 16.11
C ARG A 213 12.84 -2.00 15.11
N LYS A 214 13.33 -3.10 14.55
CA LYS A 214 14.30 -3.02 13.48
C LYS A 214 13.60 -2.89 12.13
N PHE A 215 13.30 -1.66 11.74
CA PHE A 215 12.63 -1.41 10.46
C PHE A 215 13.64 -1.06 9.39
N THR A 216 13.62 -1.82 8.31
CA THR A 216 14.50 -1.61 7.17
C THR A 216 13.65 -1.85 5.93
N SER A 217 14.24 -1.68 4.74
CA SER A 217 13.55 -2.04 3.52
C SER A 217 13.24 -3.53 3.48
N ALA A 218 14.03 -4.32 4.19
CA ALA A 218 13.81 -5.76 4.21
C ALA A 218 12.60 -6.09 5.07
N SER A 219 12.25 -5.21 6.00
CA SER A 219 11.03 -5.45 6.76
C SER A 219 9.79 -5.10 5.92
N ASP A 220 9.95 -4.13 5.02
CA ASP A 220 8.91 -3.83 4.05
C ASP A 220 8.75 -5.01 3.07
N VAL A 221 9.86 -5.66 2.73
CA VAL A 221 9.76 -6.82 1.85
C VAL A 221 8.94 -7.93 2.55
N TRP A 222 9.15 -8.09 3.85
CA TRP A 222 8.32 -9.03 4.62
C TRP A 222 6.84 -8.69 4.42
N SER A 223 6.48 -7.44 4.68
CA SER A 223 5.10 -6.97 4.49
C SER A 223 4.60 -7.27 3.08
N TYR A 224 5.47 -7.03 2.10
CA TYR A 224 5.10 -7.31 0.73
C TYR A 224 4.69 -8.76 0.58
N GLY A 225 5.42 -9.65 1.25
CA GLY A 225 5.09 -11.05 1.23
C GLY A 225 3.69 -11.26 1.75
N ILE A 226 3.33 -10.55 2.80
CA ILE A 226 1.98 -10.69 3.34
C ILE A 226 0.95 -10.18 2.33
N VAL A 227 1.28 -9.05 1.70
CA VAL A 227 0.41 -8.47 0.67
C VAL A 227 0.19 -9.46 -0.47
N LEU A 228 1.28 -10.07 -0.91
CA LEU A 228 1.21 -11.09 -1.93
C LEU A 228 0.25 -12.22 -1.51
N TRP A 229 0.29 -12.62 -0.25
CA TRP A 229 -0.65 -13.60 0.26
C TRP A 229 -2.08 -13.09 0.23
N GLU A 230 -2.29 -11.85 0.67
CA GLU A 230 -3.61 -11.23 0.60
C GLU A 230 -4.19 -11.22 -0.81
N VAL A 231 -3.37 -10.85 -1.79
CA VAL A 231 -3.81 -10.81 -3.17
C VAL A 231 -4.24 -12.19 -3.64
N MET A 232 -3.34 -13.16 -3.52
CA MET A 232 -3.64 -14.51 -3.99
C MET A 232 -4.82 -15.14 -3.21
N SER A 233 -5.12 -14.61 -2.03
CA SER A 233 -6.25 -15.05 -1.23
C SER A 233 -7.48 -14.16 -1.42
N TYR A 234 -7.39 -13.23 -2.35
CA TYR A 234 -8.49 -12.31 -2.61
C TYR A 234 -8.98 -11.59 -1.35
N GLY A 235 -8.06 -11.09 -0.53
CA GLY A 235 -8.45 -10.22 0.56
C GLY A 235 -8.77 -10.92 1.87
N GLU A 236 -8.42 -12.20 1.96
CA GLU A 236 -8.47 -12.88 3.24
C GLU A 236 -7.56 -12.14 4.23
N ARG A 237 -7.96 -12.08 5.49
CA ARG A 237 -7.12 -11.47 6.51
C ARG A 237 -5.93 -12.36 6.87
N PRO A 238 -4.71 -11.78 6.86
CA PRO A 238 -3.52 -12.52 7.28
C PRO A 238 -3.67 -13.10 8.70
N TYR A 239 -3.44 -14.41 8.84
CA TYR A 239 -3.56 -15.09 10.13
C TYR A 239 -4.98 -15.02 10.70
N TRP A 240 -5.95 -14.73 9.83
CA TRP A 240 -7.36 -14.75 10.21
C TRP A 240 -7.59 -13.95 11.49
N GLU A 241 -8.21 -14.57 12.50
CA GLU A 241 -8.42 -13.86 13.77
C GLU A 241 -7.58 -14.38 14.93
N MET A 242 -6.43 -14.99 14.62
CA MET A 242 -5.52 -15.44 15.67
C MET A 242 -5.20 -14.29 16.61
N SER A 243 -5.00 -14.58 17.89
CA SER A 243 -4.59 -13.54 18.83
C SER A 243 -3.22 -12.98 18.41
N ASN A 244 -2.98 -11.70 18.68
CA ASN A 244 -1.71 -11.08 18.34
C ASN A 244 -0.53 -11.86 18.90
N GLN A 245 -0.62 -12.19 20.19
CA GLN A 245 0.38 -13.02 20.88
C GLN A 245 0.78 -14.25 20.10
N ASP A 246 -0.21 -14.95 19.56
CA ASP A 246 0.04 -16.18 18.82
C ASP A 246 0.61 -15.96 17.43
N VAL A 247 0.20 -14.88 16.77
CA VAL A 247 0.80 -14.51 15.49
C VAL A 247 2.29 -14.30 15.67
N ILE A 248 2.64 -13.52 16.69
CA ILE A 248 4.03 -13.18 16.98
C ILE A 248 4.85 -14.44 17.29
N LYS A 249 4.27 -15.32 18.10
CA LYS A 249 4.97 -16.52 18.55
C LYS A 249 5.10 -17.55 17.42
N ALA A 250 4.01 -17.80 16.72
CA ALA A 250 4.01 -18.79 15.65
C ALA A 250 5.03 -18.42 14.57
N VAL A 251 5.02 -17.15 14.15
CA VAL A 251 5.92 -16.71 13.11
C VAL A 251 7.37 -16.84 13.57
N ASP A 252 7.63 -16.40 14.80
CA ASP A 252 8.96 -16.55 15.38
C ASP A 252 9.43 -18.01 15.40
N GLU A 253 8.52 -18.94 15.71
CA GLU A 253 8.84 -20.37 15.67
C GLU A 253 9.02 -20.95 14.25
N GLY A 254 8.76 -20.14 13.23
CA GLY A 254 9.04 -20.55 11.87
C GLY A 254 7.81 -20.94 11.08
N TYR A 255 6.64 -20.83 11.70
CA TYR A 255 5.38 -21.10 11.02
C TYR A 255 5.07 -19.97 10.03
N ARG A 256 4.42 -20.33 8.91
CA ARG A 256 4.09 -19.37 7.88
C ARG A 256 2.67 -19.61 7.37
N LEU A 257 2.06 -18.56 6.85
CA LEU A 257 0.75 -18.66 6.23
C LEU A 257 0.82 -19.74 5.16
N PRO A 258 -0.26 -20.51 5.00
CA PRO A 258 -0.25 -21.59 4.02
C PRO A 258 -0.60 -21.08 2.62
N PRO A 259 -0.35 -21.90 1.60
CA PRO A 259 -0.59 -21.52 0.20
C PRO A 259 -2.06 -21.21 0.01
N PRO A 260 -2.39 -20.03 -0.54
CA PRO A 260 -3.81 -19.78 -0.84
C PRO A 260 -4.34 -20.79 -1.86
N MET A 261 -5.64 -21.05 -1.85
CA MET A 261 -6.21 -21.99 -2.84
C MET A 261 -5.73 -21.72 -4.27
N ASP A 262 -5.31 -22.78 -4.96
CA ASP A 262 -4.85 -22.70 -6.34
C ASP A 262 -3.69 -21.72 -6.60
N CYS A 263 -2.88 -21.44 -5.58
CA CYS A 263 -1.75 -20.53 -5.74
C CYS A 263 -0.63 -21.19 -6.53
N PRO A 264 -0.21 -20.56 -7.64
CA PRO A 264 0.99 -20.99 -8.37
C PRO A 264 2.18 -21.17 -7.43
N ALA A 265 2.87 -22.30 -7.53
CA ALA A 265 4.05 -22.59 -6.74
C ALA A 265 5.03 -21.45 -6.77
N ALA A 266 5.21 -20.84 -7.95
CA ALA A 266 6.18 -19.77 -8.11
C ALA A 266 5.88 -18.61 -7.15
N LEU A 267 4.59 -18.30 -6.99
CA LEU A 267 4.15 -17.18 -6.15
C LEU A 267 4.19 -17.52 -4.67
N TYR A 268 3.85 -18.76 -4.31
CA TYR A 268 3.98 -19.18 -2.92
C TYR A 268 5.44 -19.14 -2.49
N GLN A 269 6.34 -19.65 -3.33
CA GLN A 269 7.75 -19.63 -2.98
C GLN A 269 8.25 -18.21 -2.80
N LEU A 270 7.73 -17.27 -3.60
CA LEU A 270 8.08 -15.87 -3.45
C LEU A 270 7.65 -15.34 -2.08
N MET A 271 6.44 -15.68 -1.64
CA MET A 271 6.06 -15.36 -0.26
C MET A 271 7.09 -15.87 0.75
N LEU A 272 7.43 -17.15 0.65
CA LEU A 272 8.39 -17.77 1.57
C LEU A 272 9.73 -17.06 1.54
N ASP A 273 10.15 -16.61 0.35
CA ASP A 273 11.43 -15.90 0.24
C ASP A 273 11.32 -14.56 0.96
N CYS A 274 10.18 -13.90 0.81
CA CYS A 274 9.92 -12.61 1.45
C CYS A 274 9.85 -12.78 2.97
N TRP A 275 9.48 -13.97 3.42
CA TRP A 275 9.35 -14.28 4.85
C TRP A 275 10.57 -15.02 5.42
N GLN A 276 11.72 -14.90 4.78
CA GLN A 276 12.91 -15.52 5.37
C GLN A 276 13.17 -14.94 6.75
N LYS A 277 13.55 -15.80 7.69
CA LYS A 277 13.87 -15.37 9.05
C LYS A 277 15.04 -14.40 9.04
N ASP A 278 16.11 -14.78 8.35
CA ASP A 278 17.22 -13.85 8.13
C ASP A 278 16.83 -12.77 7.12
N ARG A 279 16.65 -11.55 7.61
CA ARG A 279 16.27 -10.44 6.73
C ARG A 279 17.25 -10.23 5.56
N ASN A 280 18.53 -10.51 5.77
CA ASN A 280 19.50 -10.39 4.68
C ASN A 280 19.26 -11.38 3.55
N ASN A 281 18.49 -12.43 3.81
CA ASN A 281 18.17 -13.43 2.78
C ASN A 281 16.90 -13.14 1.97
N ARG A 282 16.21 -12.05 2.30
CA ARG A 282 15.02 -11.69 1.53
C ARG A 282 15.42 -11.04 0.20
N PRO A 283 14.59 -11.22 -0.83
CA PRO A 283 14.91 -10.52 -2.07
C PRO A 283 14.77 -9.01 -1.85
N LYS A 284 15.45 -8.22 -2.69
CA LYS A 284 15.25 -6.77 -2.72
C LYS A 284 14.05 -6.52 -3.61
N PHE A 285 13.38 -5.38 -3.45
CA PHE A 285 12.25 -5.07 -4.31
C PHE A 285 12.59 -5.14 -5.80
N GLU A 286 13.81 -4.75 -6.14
CA GLU A 286 14.26 -4.86 -7.54
C GLU A 286 14.20 -6.30 -8.07
N GLN A 287 14.60 -7.25 -7.24
CA GLN A 287 14.54 -8.67 -7.63
C GLN A 287 13.09 -9.15 -7.70
N ILE A 288 12.27 -8.68 -6.77
CA ILE A 288 10.85 -9.02 -6.81
C ILE A 288 10.23 -8.53 -8.12
N VAL A 289 10.52 -7.28 -8.50
CA VAL A 289 9.99 -6.75 -9.75
C VAL A 289 10.43 -7.65 -10.90
N SER A 290 11.71 -8.03 -10.90
CA SER A 290 12.28 -8.88 -11.97
C SER A 290 11.61 -10.24 -12.05
N ILE A 291 11.32 -10.81 -10.90
CA ILE A 291 10.66 -12.11 -10.81
C ILE A 291 9.26 -12.06 -11.38
N LEU A 292 8.52 -10.99 -11.04
CA LEU A 292 7.15 -10.87 -11.50
C LEU A 292 7.13 -10.52 -12.98
N ASP A 293 8.15 -9.81 -13.45
CA ASP A 293 8.23 -9.46 -14.86
C ASP A 293 8.36 -10.71 -15.71
N LYS A 294 9.13 -11.68 -15.21
CA LYS A 294 9.28 -12.97 -15.91
C LYS A 294 7.97 -13.76 -15.91
N LEU A 295 7.28 -13.79 -14.78
CA LEU A 295 6.03 -14.52 -14.65
C LEU A 295 4.95 -13.95 -15.56
N ILE A 296 5.03 -12.64 -15.78
CA ILE A 296 4.09 -11.95 -16.66
C ILE A 296 4.32 -12.41 -18.09
N ARG A 297 5.56 -12.78 -18.41
CA ARG A 297 5.90 -13.22 -19.75
C ARG A 297 5.38 -14.63 -20.09
N ASN A 298 6.01 -15.65 -19.52
CA ASN A 298 5.55 -17.02 -19.73
C ASN A 298 4.57 -17.47 -18.64
N PRO A 299 3.26 -17.25 -18.87
CA PRO A 299 2.28 -17.69 -17.87
C PRO A 299 2.21 -19.21 -17.79
N GLY A 300 3.04 -19.89 -18.58
CA GLY A 300 3.15 -21.33 -18.50
C GLY A 300 4.07 -21.73 -17.36
N SER A 301 4.64 -20.73 -16.71
CA SER A 301 5.40 -20.95 -15.49
C SER A 301 4.42 -21.19 -14.35
N LEU A 302 3.29 -20.49 -14.43
CA LEU A 302 2.31 -20.40 -13.38
C LEU A 302 1.41 -21.63 -13.29
N LYS A 303 1.74 -22.67 -14.06
CA LYS A 303 0.86 -23.84 -14.15
C LYS A 303 1.11 -24.85 -13.04
N ILE A 304 2.31 -24.84 -12.48
CA ILE A 304 2.58 -25.65 -11.30
C ILE A 304 1.88 -24.99 -10.11
N ILE A 305 1.00 -25.76 -9.47
CA ILE A 305 0.15 -25.23 -8.41
C ILE A 305 0.43 -25.98 -7.12
N THR A 306 0.34 -25.29 -5.99
CA THR A 306 0.62 -25.92 -4.70
C THR A 306 -0.50 -26.85 -4.27
N ASN A 314 -4.66 -22.99 9.25
CA ASN A 314 -3.50 -23.69 9.83
C ASN A 314 -2.15 -23.27 9.20
N LEU A 315 -1.18 -22.94 10.05
CA LEU A 315 0.11 -22.44 9.59
C LEU A 315 1.05 -23.59 9.23
N LEU A 316 1.98 -23.33 8.31
CA LEU A 316 2.93 -24.34 7.87
C LEU A 316 4.31 -24.15 8.48
N LEU A 317 4.91 -25.25 8.92
CA LEU A 317 6.29 -25.25 9.41
C LEU A 317 7.20 -25.88 8.36
O3 L90 B . -8.85 8.05 -4.73
C16 L90 B . -9.50 7.30 -3.98
N4 L90 B . -10.50 6.54 -4.46
C3 L90 B . -9.24 7.23 -2.62
N2 L90 B . -8.33 7.87 -1.82
C4 L90 B . -7.29 8.79 -1.87
C5 L90 B . -6.87 8.85 -0.50
N3 L90 B . -7.63 7.99 0.26
C6 L90 B . -7.73 7.63 1.68
C7 L90 B . -6.71 6.60 2.12
C8 L90 B . -6.58 5.43 1.16
C9 L90 B . -5.28 4.69 1.45
C1 L90 B . -8.54 7.41 -0.59
N1 L90 B . -9.57 6.47 -0.50
C2 L90 B . -9.99 6.38 -1.81
N5 L90 B . -10.97 5.63 -2.32
C18 L90 B . -11.76 4.73 -1.47
C17 L90 B . -11.22 5.70 -3.65
O2 L90 B . -12.13 5.00 -4.14
C10 L90 B . -5.79 9.71 0.09
C15 L90 B . -4.67 9.10 0.64
C29 L90 B . -4.33 7.72 0.72
N28 L90 B . -3.12 7.70 1.35
N27 L90 B . -2.73 9.02 1.64
C14 L90 B . -3.68 9.88 1.21
C13 L90 B . -3.78 11.26 1.25
C12 L90 B . -4.90 11.86 0.72
C11 L90 B . -5.92 11.10 0.14
C26 L90 B . -7.11 11.81 -0.43
#